data_4QF3
#
_entry.id   4QF3
#
_cell.length_a   38.485
_cell.length_b   45.605
_cell.length_c   65.246
_cell.angle_alpha   90.00
_cell.angle_beta   90.00
_cell.angle_gamma   90.00
#
_symmetry.space_group_name_H-M   'P 21 21 21'
#
loop_
_entity.id
_entity.type
_entity.pdbx_description
1 polymer 'Bromodomain adjacent to zinc finger domain protein 2B'
2 non-polymer 'ZINC ION'
3 water water
#
_entity_poly.entity_id   1
_entity_poly.type   'polypeptide(L)'
_entity_poly.pdbx_seq_one_letter_code
;HMSIMKVYCQICRKGDNEELLLLCDGCDKGCHTYCHRPKITTIPDGDWFCPACIAKAS
;
_entity_poly.pdbx_strand_id   A,B
#
loop_
_chem_comp.id
_chem_comp.type
_chem_comp.name
_chem_comp.formula
ZN non-polymer 'ZINC ION' 'Zn 2'
#
# COMPACT_ATOMS: atom_id res chain seq x y z
N MET A 2 -21.21 2.22 -26.23
CA MET A 2 -19.88 1.64 -25.89
C MET A 2 -19.26 2.29 -24.68
N SER A 3 -18.26 1.58 -24.17
CA SER A 3 -17.41 2.09 -23.11
C SER A 3 -15.95 1.77 -23.45
N ILE A 4 -15.08 2.78 -23.42
CA ILE A 4 -13.64 2.55 -23.48
C ILE A 4 -13.07 2.85 -22.10
N MET A 5 -12.31 1.90 -21.59
CA MET A 5 -11.70 2.01 -20.25
C MET A 5 -10.18 2.02 -20.47
N LYS A 6 -9.51 3.11 -20.06
CA LYS A 6 -8.02 3.10 -19.96
C LYS A 6 -7.65 3.40 -18.52
N VAL A 7 -6.72 2.59 -18.00
CA VAL A 7 -6.29 2.71 -16.63
C VAL A 7 -5.14 3.65 -16.51
N TYR A 8 -5.26 4.56 -15.55
CA TYR A 8 -4.18 5.51 -15.27
CA TYR A 8 -4.16 5.46 -15.23
C TYR A 8 -3.81 5.32 -13.79
N CYS A 9 -2.58 5.61 -13.46
CA CYS A 9 -2.13 5.55 -12.04
C CYS A 9 -2.83 6.62 -11.18
N GLN A 10 -3.38 6.23 -10.02
CA GLN A 10 -4.07 7.19 -9.14
C GLN A 10 -3.19 8.33 -8.69
N ILE A 11 -1.88 8.12 -8.65
CA ILE A 11 -0.95 9.16 -8.15
C ILE A 11 -0.39 10.06 -9.27
N CYS A 12 0.23 9.48 -10.30
CA CYS A 12 0.86 10.33 -11.35
C CYS A 12 -0.09 10.59 -12.52
N ARG A 13 -1.19 9.85 -12.56
CA ARG A 13 -2.25 9.95 -13.61
C ARG A 13 -1.78 9.60 -15.00
N LYS A 14 -0.69 8.88 -15.09
CA LYS A 14 -0.18 8.34 -16.36
C LYS A 14 -0.49 6.85 -16.50
N GLY A 15 -0.59 6.38 -17.74
CA GLY A 15 -0.86 4.95 -18.02
C GLY A 15 0.28 4.21 -18.68
N ASP A 16 1.48 4.75 -18.55
CA ASP A 16 2.67 4.08 -19.04
C ASP A 16 3.19 2.98 -18.10
N ASN A 17 4.28 2.31 -18.47
CA ASN A 17 4.91 1.33 -17.61
C ASN A 17 3.90 0.32 -17.13
N GLU A 18 3.19 -0.30 -18.06
CA GLU A 18 2.10 -1.17 -17.73
C GLU A 18 2.46 -2.35 -16.83
N GLU A 19 3.66 -2.91 -16.97
CA GLU A 19 4.07 -4.04 -16.13
C GLU A 19 4.14 -3.64 -14.66
N LEU A 20 4.40 -2.34 -14.43
CA LEU A 20 4.55 -1.80 -13.08
C LEU A 20 3.29 -1.07 -12.60
N LEU A 21 2.30 -0.95 -13.47
CA LEU A 21 1.07 -0.31 -13.11
C LEU A 21 0.13 -1.38 -12.55
N LEU A 22 0.13 -1.44 -11.23
CA LEU A 22 -0.67 -2.45 -10.49
C LEU A 22 -2.16 -2.19 -10.49
N LEU A 23 -2.94 -3.15 -10.96
CA LEU A 23 -4.37 -2.99 -11.12
C LEU A 23 -5.02 -3.81 -10.05
N CYS A 24 -5.87 -3.15 -9.28
CA CYS A 24 -6.51 -3.75 -8.11
C CYS A 24 -7.67 -4.66 -8.55
N ASP A 25 -7.64 -5.88 -8.06
CA ASP A 25 -8.70 -6.85 -8.41
C ASP A 25 -9.99 -6.48 -7.73
N GLY A 26 -9.88 -5.76 -6.61
CA GLY A 26 -11.04 -5.33 -5.84
C GLY A 26 -11.83 -4.20 -6.47
N CYS A 27 -11.14 -3.09 -6.70
CA CYS A 27 -11.75 -1.84 -7.13
C CYS A 27 -11.37 -1.34 -8.53
N ASP A 28 -10.51 -2.07 -9.21
CA ASP A 28 -10.03 -1.76 -10.55
C ASP A 28 -9.26 -0.44 -10.69
N LYS A 29 -8.78 0.14 -9.58
CA LYS A 29 -7.95 1.34 -9.67
C LYS A 29 -6.51 0.88 -9.83
N GLY A 30 -5.69 1.75 -10.38
CA GLY A 30 -4.28 1.50 -10.70
C GLY A 30 -3.31 2.36 -9.95
N CYS A 31 -2.12 1.81 -9.69
CA CYS A 31 -1.07 2.61 -9.13
C CYS A 31 0.27 1.98 -9.45
N HIS A 32 1.23 2.77 -9.90
CA HIS A 32 2.57 2.21 -10.16
C HIS A 32 3.31 1.80 -8.89
N THR A 33 4.09 0.74 -9.01
CA THR A 33 4.92 0.32 -7.90
C THR A 33 5.68 1.52 -7.31
N TYR A 34 6.27 2.35 -8.18
CA TYR A 34 7.17 3.43 -7.78
C TYR A 34 6.46 4.71 -7.38
N CYS A 35 5.13 4.71 -7.54
CA CYS A 35 4.27 5.82 -7.12
C CYS A 35 3.65 5.58 -5.76
N HIS A 36 3.60 4.31 -5.28
CA HIS A 36 3.28 4.06 -3.90
C HIS A 36 4.33 4.61 -2.97
N ARG A 37 3.90 4.97 -1.75
CA ARG A 37 4.80 5.22 -0.63
C ARG A 37 4.31 4.40 0.55
N PRO A 38 5.18 3.54 1.11
CA PRO A 38 6.50 3.16 0.65
C PRO A 38 6.44 2.54 -0.74
N LYS A 39 7.50 2.71 -1.50
CA LYS A 39 7.54 2.18 -2.85
C LYS A 39 7.51 0.65 -2.78
N ILE A 40 6.84 0.05 -3.76
CA ILE A 40 6.72 -1.39 -3.87
C ILE A 40 7.90 -1.85 -4.68
N THR A 41 8.70 -2.77 -4.11
CA THR A 41 9.92 -3.22 -4.76
C THR A 41 9.88 -4.67 -5.21
N THR A 42 8.71 -5.31 -5.07
CA THR A 42 8.43 -6.64 -5.66
C THR A 42 7.24 -6.52 -6.60
N ILE A 43 7.38 -6.97 -7.85
CA ILE A 43 6.23 -7.04 -8.75
C ILE A 43 5.41 -8.27 -8.34
N PRO A 44 4.13 -8.06 -8.01
CA PRO A 44 3.30 -9.15 -7.60
C PRO A 44 3.23 -10.25 -8.67
N ASP A 45 3.42 -11.48 -8.22
CA ASP A 45 3.39 -12.63 -9.12
C ASP A 45 2.01 -13.05 -9.56
N GLY A 46 1.02 -12.66 -8.76
CA GLY A 46 -0.39 -12.98 -9.02
C GLY A 46 -1.28 -11.76 -9.08
N ASP A 47 -2.37 -11.80 -8.33
CA ASP A 47 -3.31 -10.66 -8.33
C ASP A 47 -2.85 -9.64 -7.33
N TRP A 48 -3.35 -8.43 -7.54
CA TRP A 48 -3.08 -7.31 -6.63
C TRP A 48 -4.37 -6.79 -5.96
N PHE A 49 -4.30 -6.52 -4.66
CA PHE A 49 -5.35 -5.77 -3.94
C PHE A 49 -4.68 -4.57 -3.32
N CYS A 50 -5.29 -3.41 -3.57
CA CYS A 50 -4.66 -2.14 -3.22
C CYS A 50 -4.82 -1.89 -1.72
N PRO A 51 -4.03 -0.94 -1.19
CA PRO A 51 -4.06 -0.78 0.24
C PRO A 51 -5.44 -0.34 0.78
N ALA A 52 -6.18 0.41 -0.03
CA ALA A 52 -7.51 0.89 0.42
C ALA A 52 -8.44 -0.32 0.56
N CYS A 53 -8.37 -1.23 -0.41
CA CYS A 53 -9.21 -2.43 -0.33
C CYS A 53 -8.82 -3.36 0.81
N ILE A 54 -7.53 -3.52 1.07
CA ILE A 54 -7.08 -4.31 2.20
C ILE A 54 -7.52 -3.72 3.54
N ALA A 55 -7.31 -2.42 3.74
CA ALA A 55 -7.82 -1.72 4.94
C ALA A 55 -9.31 -1.90 5.24
N LYS A 56 -10.13 -1.87 4.18
CA LYS A 56 -11.56 -2.06 4.32
C LYS A 56 -11.92 -3.49 4.63
N ALA A 57 -11.22 -4.45 4.02
CA ALA A 57 -11.53 -5.88 4.24
C ALA A 57 -11.23 -6.34 5.67
N SER A 58 -10.17 -5.79 6.26
CA SER A 58 -9.70 -6.18 7.58
C SER A 58 -10.82 -6.32 8.62
N MET B 2 18.59 -12.76 18.97
CA MET B 2 17.28 -12.03 19.09
C MET B 2 17.46 -10.57 19.52
N SER B 3 16.60 -9.71 18.98
CA SER B 3 16.63 -8.30 19.29
C SER B 3 15.19 -7.77 19.48
N ILE B 4 15.04 -6.67 20.20
CA ILE B 4 13.71 -6.04 20.30
C ILE B 4 13.89 -4.59 19.92
N MET B 5 12.86 -3.97 19.34
CA MET B 5 12.97 -2.56 18.98
C MET B 5 11.60 -1.93 19.00
N LYS B 6 11.59 -0.65 19.34
CA LYS B 6 10.43 0.19 19.13
C LYS B 6 10.27 0.46 17.62
N VAL B 7 9.02 0.35 17.16
CA VAL B 7 8.69 0.56 15.75
C VAL B 7 8.28 2.01 15.50
N TYR B 8 8.90 2.60 14.48
CA TYR B 8 8.62 3.94 14.01
C TYR B 8 8.14 3.87 12.59
N CYS B 9 7.29 4.81 12.20
CA CYS B 9 6.87 4.94 10.78
C CYS B 9 8.08 4.90 9.81
N GLN B 10 7.98 4.04 8.80
CA GLN B 10 9.06 3.84 7.83
C GLN B 10 9.29 5.07 6.98
N ILE B 11 8.31 5.96 6.85
CA ILE B 11 8.40 7.15 6.01
C ILE B 11 8.90 8.35 6.76
N CYS B 12 8.26 8.74 7.86
CA CYS B 12 8.63 10.00 8.54
C CYS B 12 9.63 9.79 9.68
N ARG B 13 9.76 8.54 10.15
CA ARG B 13 10.66 8.12 11.22
CA ARG B 13 10.71 8.17 11.21
C ARG B 13 10.33 8.78 12.56
N LYS B 14 9.13 9.37 12.66
CA LYS B 14 8.70 10.01 13.92
C LYS B 14 7.76 9.10 14.69
N GLY B 15 7.85 9.18 16.02
CA GLY B 15 7.00 8.42 16.91
C GLY B 15 5.72 9.08 17.37
N ASP B 16 5.32 10.14 16.69
CA ASP B 16 4.02 10.75 17.03
C ASP B 16 2.84 9.97 16.49
N ASN B 17 1.65 10.33 16.94
CA ASN B 17 0.40 9.82 16.33
C ASN B 17 0.36 8.30 16.23
N GLU B 18 0.73 7.65 17.35
CA GLU B 18 0.76 6.19 17.40
C GLU B 18 -0.59 5.60 17.03
N GLU B 19 -1.66 6.29 17.39
CA GLU B 19 -3.02 5.83 17.04
C GLU B 19 -3.32 5.69 15.54
N LEU B 20 -2.48 6.35 14.73
CA LEU B 20 -2.55 6.27 13.26
C LEU B 20 -1.40 5.48 12.62
N LEU B 21 -0.60 4.86 13.46
CA LEU B 21 0.54 4.02 12.99
C LEU B 21 0.01 2.63 12.72
N LEU B 22 0.05 2.24 11.45
CA LEU B 22 -0.36 0.91 11.05
C LEU B 22 0.80 -0.03 11.15
N LEU B 23 0.61 -1.12 11.90
CA LEU B 23 1.63 -2.13 12.15
C LEU B 23 1.27 -3.42 11.44
N CYS B 24 2.19 -3.84 10.59
CA CYS B 24 1.99 -5.00 9.75
C CYS B 24 2.13 -6.32 10.53
N ASP B 25 1.17 -7.22 10.35
CA ASP B 25 1.25 -8.52 10.99
C ASP B 25 2.31 -9.43 10.35
N GLY B 26 2.67 -9.14 9.11
CA GLY B 26 3.64 -9.88 8.32
C GLY B 26 5.06 -9.55 8.75
N CYS B 27 5.45 -8.29 8.54
CA CYS B 27 6.85 -7.87 8.67
C CYS B 27 7.13 -7.00 9.89
N ASP B 28 6.11 -6.73 10.69
CA ASP B 28 6.23 -5.90 11.90
C ASP B 28 6.67 -4.42 11.70
N LYS B 29 6.76 -3.97 10.45
CA LYS B 29 7.04 -2.55 10.14
C LYS B 29 5.78 -1.73 10.20
N GLY B 30 6.00 -0.44 10.41
CA GLY B 30 4.94 0.54 10.67
C GLY B 30 4.91 1.62 9.62
N CYS B 31 3.73 2.16 9.38
CA CYS B 31 3.60 3.36 8.55
C CYS B 31 2.35 4.12 8.94
N HIS B 32 2.41 5.44 9.16
CA HIS B 32 1.18 6.17 9.42
C HIS B 32 0.19 6.12 8.23
N THR B 33 -1.11 6.13 8.53
CA THR B 33 -2.11 6.27 7.51
C THR B 33 -1.78 7.37 6.52
N TYR B 34 -1.42 8.52 7.06
CA TYR B 34 -1.22 9.76 6.31
C TYR B 34 0.12 9.85 5.63
N CYS B 35 1.03 8.95 6.00
CA CYS B 35 2.34 8.87 5.35
C CYS B 35 2.33 7.92 4.15
N HIS B 36 1.38 6.98 4.07
CA HIS B 36 1.20 6.18 2.85
C HIS B 36 0.80 7.03 1.68
N ARG B 37 1.20 6.60 0.48
CA ARG B 37 0.64 7.15 -0.72
C ARG B 37 0.17 5.99 -1.59
N PRO B 38 -1.11 6.02 -2.03
CA PRO B 38 -2.17 6.92 -1.60
C PRO B 38 -2.39 6.84 -0.09
N LYS B 39 -2.87 7.93 0.49
CA LYS B 39 -3.16 7.96 1.93
C LYS B 39 -4.20 6.90 2.26
N ILE B 40 -4.04 6.23 3.39
CA ILE B 40 -5.03 5.25 3.89
C ILE B 40 -6.07 5.98 4.74
N THR B 41 -7.36 5.84 4.37
CA THR B 41 -8.41 6.61 5.02
C THR B 41 -9.41 5.73 5.80
N THR B 42 -9.15 4.42 5.87
CA THR B 42 -9.88 3.54 6.72
C THR B 42 -8.94 2.82 7.63
N ILE B 43 -9.27 2.78 8.91
CA ILE B 43 -8.51 2.12 9.88
C ILE B 43 -8.80 0.61 9.90
N PRO B 44 -7.81 -0.26 9.71
CA PRO B 44 -8.09 -1.72 9.68
C PRO B 44 -8.71 -2.20 10.99
N ASP B 45 -9.90 -2.81 10.92
CA ASP B 45 -10.62 -3.21 12.12
C ASP B 45 -9.84 -4.37 12.78
N GLY B 46 -9.28 -5.24 11.96
CA GLY B 46 -8.51 -6.40 12.44
C GLY B 46 -7.01 -6.35 12.17
N ASP B 47 -6.52 -7.43 11.58
CA ASP B 47 -5.12 -7.57 11.23
C ASP B 47 -4.79 -6.82 9.93
N TRP B 48 -3.71 -6.04 9.95
CA TRP B 48 -3.17 -5.32 8.76
C TRP B 48 -2.05 -6.16 8.09
N PHE B 49 -2.06 -6.29 6.75
CA PHE B 49 -0.84 -6.70 6.02
C PHE B 49 -0.49 -5.61 5.02
N CYS B 50 0.73 -5.11 5.12
CA CYS B 50 1.15 -3.93 4.37
C CYS B 50 1.30 -4.19 2.87
N PRO B 51 1.37 -3.14 2.05
CA PRO B 51 1.42 -3.41 0.64
C PRO B 51 2.65 -4.20 0.19
N ALA B 52 3.77 -4.02 0.89
CA ALA B 52 4.99 -4.79 0.54
C ALA B 52 4.75 -6.28 0.77
N CYS B 53 4.09 -6.62 1.85
CA CYS B 53 3.82 -8.01 2.19
C CYS B 53 2.75 -8.56 1.25
N ILE B 54 1.77 -7.75 0.85
CA ILE B 54 0.76 -8.20 -0.12
C ILE B 54 1.47 -8.55 -1.43
N ALA B 55 2.37 -7.70 -1.87
CA ALA B 55 3.11 -7.89 -3.12
C ALA B 55 4.01 -9.14 -3.12
N LYS B 56 4.74 -9.34 -2.03
CA LYS B 56 5.52 -10.54 -1.83
C LYS B 56 4.71 -11.84 -1.80
N ALA B 57 3.56 -11.80 -1.12
CA ALA B 57 2.67 -12.99 -1.02
C ALA B 57 1.86 -13.33 -2.28
N SER B 58 1.64 -12.36 -3.15
CA SER B 58 0.83 -12.51 -4.33
C SER B 58 1.26 -13.72 -5.16
ZN ZN C . 2.18 6.51 -11.25
ZN ZN D . -8.60 -1.63 -4.54
ZN ZN E . 4.83 8.74 9.30
ZN ZN F . 4.47 -5.98 5.94
#